data_7Q3R
#
_entry.id   7Q3R
#
_cell.length_a   180.578
_cell.length_b   180.578
_cell.length_c   48.025
_cell.angle_alpha   90.000
_cell.angle_beta   90.000
_cell.angle_gamma   120.000
#
_symmetry.space_group_name_H-M   'P 63'
#
loop_
_entity.id
_entity.type
_entity.pdbx_description
1 polymer 'Spike glycoprotein'
2 polymer VHH-F04
3 polymer VHH-G09
4 branched 2-acetamido-2-deoxy-beta-D-glucopyranose-(1-4)-2-acetamido-2-deoxy-beta-D-glucopyranose
5 non-polymer 'CHLORIDE ION'
6 water water
#
loop_
_entity_poly.entity_id
_entity_poly.type
_entity_poly.pdbx_seq_one_letter_code
_entity_poly.pdbx_strand_id
1 'polypeptide(L)'
;NITNLCPFGEVFNATRFASVYAWNRKRISNCVADYSFLYNSASFSTFKCYGVSPTKLNDLCFTNVYADSFVIRGDEVRQI
APGQTGKIADYNYKLPDDFTGCVIAWNSNNLDSKVGGNYNYLYRLFRKSNLKPFERDISTEIYQAGSTPCNGVEGFNCYF
PLQSYGFQPTNGVGYQPYRVVVLSFELLHAPATVCGPK
;
A
2 'polypeptide(L)'
;AMAEVQLVESGGGLVQAGGSLRLSCAASGRAFSRYFMGWFRQAPGKEREFVAGISRSGGSTDYANFVKGRFTISRDNAKN
TVYLQMNSLKPEDTAVYYCAATVDYSGTLTAARGREDYDDWGQGIQVTVSSAAAHHHHHHHH
;
F
3 'polypeptide(L)'
;AMAEVQLVESGGGTVQPGGSLRLSCEVSGTGFTINAMGWDRQAPGKQRELVATITRGDRIHYADSVKGRFAISRDKDKNT
VYLEMNNLKPEDTAVYYCDVAAFDSSDYEVLDSWGQGTQVTVSSAAAHHHHHHHH
;
G
#
# COMPACT_ATOMS: atom_id res chain seq x y z
N ASN A 4 18.47 15.18 -14.12
CA ASN A 4 18.97 14.00 -14.83
C ASN A 4 18.12 12.77 -14.44
N LEU A 5 18.53 11.94 -13.47
CA LEU A 5 17.77 10.72 -13.15
C LEU A 5 16.44 11.04 -12.46
N CYS A 6 15.37 10.38 -12.89
CA CYS A 6 14.05 10.68 -12.34
C CYS A 6 13.99 10.29 -10.87
N PRO A 7 13.36 11.11 -10.01
CA PRO A 7 13.38 10.88 -8.55
C PRO A 7 12.32 9.88 -8.08
N PHE A 8 12.35 8.66 -8.62
CA PHE A 8 11.39 7.65 -8.13
C PHE A 8 11.67 7.29 -6.68
N GLY A 9 12.92 7.44 -6.23
CA GLY A 9 13.23 7.07 -4.86
C GLY A 9 12.53 7.93 -3.83
N GLU A 10 12.35 9.21 -4.13
CA GLU A 10 11.57 10.07 -3.25
C GLU A 10 10.14 9.59 -3.08
N VAL A 11 9.59 8.84 -4.05
CA VAL A 11 8.22 8.37 -3.95
C VAL A 11 8.20 7.02 -3.23
N PHE A 12 8.94 6.07 -3.77
CA PHE A 12 8.85 4.71 -3.25
C PHE A 12 9.42 4.58 -1.84
N ASN A 13 10.47 5.33 -1.55
CA ASN A 13 11.17 5.23 -0.29
C ASN A 13 10.88 6.40 0.63
N ALA A 14 9.83 7.19 0.34
CA ALA A 14 9.39 8.22 1.26
C ALA A 14 9.18 7.63 2.66
N THR A 15 9.58 8.36 3.70
CA THR A 15 9.38 7.80 5.04
C THR A 15 7.92 7.85 5.45
N ARG A 16 7.17 8.82 4.92
CA ARG A 16 5.77 9.04 5.23
C ARG A 16 4.93 8.95 3.96
N PHE A 17 3.77 8.29 4.05
CA PHE A 17 2.81 8.16 2.95
C PHE A 17 1.49 8.85 3.29
N ALA A 18 0.75 9.19 2.25
CA ALA A 18 -0.53 9.91 2.37
C ALA A 18 -1.67 8.99 2.81
N SER A 19 -2.63 9.57 3.54
CA SER A 19 -3.96 8.96 3.60
C SER A 19 -4.54 8.88 2.18
N VAL A 20 -5.23 7.77 1.89
CA VAL A 20 -5.73 7.52 0.55
C VAL A 20 -6.73 8.59 0.14
N TYR A 21 -7.56 9.13 1.07
CA TYR A 21 -8.52 10.14 0.61
C TYR A 21 -7.84 11.42 0.19
N ALA A 22 -6.64 11.64 0.69
CA ALA A 22 -5.83 12.79 0.36
C ALA A 22 -4.60 12.32 -0.41
N TRP A 23 -4.81 11.41 -1.39
CA TRP A 23 -3.67 10.74 -2.04
C TRP A 23 -2.72 11.71 -2.69
N ASN A 24 -1.42 11.43 -2.61
CA ASN A 24 -0.38 12.33 -3.16
C ASN A 24 -0.08 12.01 -4.61
N ARG A 25 0.06 13.04 -5.45
CA ARG A 25 0.57 12.87 -6.81
C ARG A 25 1.92 13.54 -6.92
N LYS A 26 2.89 12.81 -7.47
CA LYS A 26 4.17 13.41 -7.85
C LYS A 26 4.26 13.37 -9.36
N ARG A 27 4.49 14.53 -9.99
CA ARG A 27 4.67 14.53 -11.42
C ARG A 27 6.15 14.32 -11.76
N ILE A 28 6.42 13.41 -12.69
CA ILE A 28 7.77 13.02 -13.08
C ILE A 28 8.05 13.55 -14.48
N SER A 29 9.05 14.42 -14.63
CA SER A 29 9.25 15.10 -15.92
C SER A 29 10.67 15.62 -16.04
N ASN A 30 11.06 15.91 -17.29
CA ASN A 30 12.38 16.45 -17.63
C ASN A 30 13.47 15.65 -16.91
N CYS A 31 13.49 14.35 -17.19
CA CYS A 31 14.43 13.48 -16.50
C CYS A 31 14.52 12.17 -17.24
N VAL A 32 15.61 11.45 -16.98
CA VAL A 32 15.82 10.12 -17.52
C VAL A 32 15.38 9.08 -16.51
N ALA A 33 14.51 8.18 -16.95
CA ALA A 33 13.79 7.30 -16.04
C ALA A 33 14.42 5.92 -16.07
N ASP A 34 15.10 5.53 -14.99
CA ASP A 34 15.62 4.18 -14.89
C ASP A 34 14.61 3.34 -14.11
N TYR A 35 13.99 2.34 -14.76
CA TYR A 35 12.96 1.53 -14.11
C TYR A 35 13.52 0.24 -13.51
N SER A 36 14.84 0.11 -13.43
CA SER A 36 15.49 -1.13 -12.98
C SER A 36 15.02 -1.58 -11.60
N PHE A 37 14.77 -0.63 -10.69
CA PHE A 37 14.31 -0.98 -9.36
C PHE A 37 13.01 -1.78 -9.38
N LEU A 38 12.21 -1.70 -10.44
CA LEU A 38 11.00 -2.50 -10.48
C LEU A 38 11.31 -4.00 -10.56
N TYR A 39 12.47 -4.39 -11.09
CA TYR A 39 12.79 -5.81 -11.29
C TYR A 39 13.72 -6.35 -10.21
N ASN A 40 13.56 -5.98 -8.94
CA ASN A 40 14.39 -6.53 -7.88
C ASN A 40 13.63 -6.63 -6.56
N SER A 43 10.18 -8.58 -2.58
CA SER A 43 10.06 -7.11 -2.58
C SER A 43 8.61 -6.50 -2.68
N PHE A 44 7.91 -6.62 -3.81
CA PHE A 44 6.56 -6.09 -3.90
C PHE A 44 5.57 -7.23 -3.76
N SER A 45 4.49 -6.99 -3.05
CA SER A 45 3.42 -7.97 -3.00
C SER A 45 2.41 -7.81 -4.12
N THR A 46 2.32 -6.62 -4.72
CA THR A 46 1.49 -6.38 -5.90
C THR A 46 2.32 -5.65 -6.94
N PHE A 47 2.18 -6.08 -8.19
CA PHE A 47 2.89 -5.46 -9.30
C PHE A 47 2.06 -5.90 -10.51
N LYS A 48 1.05 -5.12 -10.84
CA LYS A 48 0.19 -5.34 -12.00
C LYS A 48 0.33 -4.16 -12.94
N CYS A 49 0.41 -4.43 -14.26
CA CYS A 49 0.47 -3.38 -15.26
C CYS A 49 -0.66 -3.56 -16.27
N TYR A 50 -1.05 -2.43 -16.87
CA TYR A 50 -2.18 -2.34 -17.77
C TYR A 50 -1.73 -1.55 -19.00
N GLY A 51 -1.84 -2.17 -20.17
CA GLY A 51 -1.43 -1.53 -21.42
C GLY A 51 0.05 -1.25 -21.57
N VAL A 52 0.94 -1.81 -20.77
CA VAL A 52 2.36 -1.56 -20.95
C VAL A 52 3.14 -2.75 -20.39
N SER A 53 4.24 -3.12 -21.05
CA SER A 53 5.03 -4.24 -20.58
C SER A 53 6.18 -3.71 -19.76
N PRO A 54 6.27 -4.08 -18.48
CA PRO A 54 7.24 -3.41 -17.62
C PRO A 54 8.67 -3.60 -18.05
N THR A 55 9.04 -4.72 -18.69
CA THR A 55 10.42 -4.85 -19.10
C THR A 55 10.74 -3.98 -20.31
N LYS A 56 9.76 -3.30 -20.90
CA LYS A 56 10.01 -2.44 -22.05
C LYS A 56 10.16 -0.97 -21.65
N LEU A 57 9.90 -0.65 -20.39
CA LEU A 57 9.85 0.73 -19.96
C LEU A 57 11.17 1.46 -20.18
N ASN A 58 12.30 0.76 -20.07
CA ASN A 58 13.56 1.45 -20.27
C ASN A 58 13.80 1.84 -21.73
N ASP A 59 13.00 1.34 -22.68
CA ASP A 59 13.09 1.73 -24.08
C ASP A 59 11.91 2.56 -24.56
N LEU A 60 11.11 3.12 -23.65
CA LEU A 60 9.90 3.84 -24.02
C LEU A 60 9.98 5.29 -23.56
N CYS A 61 9.25 6.14 -24.30
CA CYS A 61 9.08 7.56 -23.98
C CYS A 61 7.61 7.90 -23.76
N PHE A 62 7.34 8.79 -22.78
CA PHE A 62 5.99 9.22 -22.47
C PHE A 62 5.96 10.74 -22.35
N THR A 63 4.78 11.32 -22.58
CA THR A 63 4.68 12.78 -22.46
C THR A 63 4.54 13.19 -21.00
N ASN A 64 3.74 12.45 -20.20
CA ASN A 64 3.63 12.64 -18.76
C ASN A 64 3.77 11.31 -18.05
N VAL A 65 4.49 11.32 -16.93
CA VAL A 65 4.51 10.21 -15.98
C VAL A 65 4.05 10.72 -14.61
N TYR A 66 3.09 10.03 -13.96
CA TYR A 66 2.69 10.43 -12.62
C TYR A 66 2.96 9.27 -11.69
N ALA A 67 3.31 9.60 -10.45
CA ALA A 67 3.41 8.60 -9.38
C ALA A 67 2.50 9.02 -8.24
N ASP A 68 1.43 8.25 -8.03
CA ASP A 68 0.46 8.53 -6.99
C ASP A 68 0.71 7.55 -5.84
N SER A 69 0.62 8.02 -4.60
CA SER A 69 0.95 7.12 -3.48
C SER A 69 0.08 7.39 -2.26
N PHE A 70 -0.10 6.33 -1.42
CA PHE A 70 -1.02 6.34 -0.29
C PHE A 70 -0.98 4.99 0.42
N VAL A 71 -1.70 4.90 1.54
CA VAL A 71 -1.79 3.66 2.33
C VAL A 71 -3.25 3.22 2.35
N ILE A 72 -3.47 1.92 2.16
CA ILE A 72 -4.76 1.27 2.31
C ILE A 72 -4.54 -0.07 3.02
N ARG A 73 -5.64 -0.78 3.27
CA ARG A 73 -5.53 -2.16 3.81
C ARG A 73 -5.13 -3.13 2.72
N GLY A 74 -4.47 -4.21 3.14
CA GLY A 74 -4.10 -5.25 2.20
C GLY A 74 -5.25 -5.75 1.34
N ASP A 75 -6.42 -5.98 1.95
CA ASP A 75 -7.49 -6.57 1.14
C ASP A 75 -8.19 -5.53 0.26
N GLU A 76 -7.70 -4.30 0.26
CA GLU A 76 -8.20 -3.27 -0.66
C GLU A 76 -7.28 -3.04 -1.84
N VAL A 77 -6.07 -3.62 -1.84
CA VAL A 77 -5.15 -3.35 -2.95
C VAL A 77 -5.78 -3.75 -4.29
N ARG A 78 -6.59 -4.81 -4.29
CA ARG A 78 -7.20 -5.24 -5.55
C ARG A 78 -8.12 -4.18 -6.12
N GLN A 79 -8.61 -3.23 -5.31
CA GLN A 79 -9.45 -2.15 -5.87
C GLN A 79 -8.66 -1.09 -6.61
N ILE A 80 -7.33 -1.10 -6.53
CA ILE A 80 -6.54 -0.12 -7.28
C ILE A 80 -6.26 -0.69 -8.67
N ALA A 81 -7.30 -0.73 -9.52
CA ALA A 81 -7.18 -1.32 -10.85
C ALA A 81 -8.30 -0.73 -11.67
N PRO A 82 -8.12 -0.58 -13.00
CA PRO A 82 -9.22 -0.07 -13.83
C PRO A 82 -10.43 -0.98 -13.67
N GLY A 83 -11.61 -0.36 -13.58
CA GLY A 83 -12.85 -1.09 -13.59
C GLY A 83 -13.34 -1.55 -12.25
N GLN A 84 -12.57 -1.36 -11.17
CA GLN A 84 -12.94 -1.92 -9.87
C GLN A 84 -14.05 -1.09 -9.19
N THR A 85 -14.75 -1.71 -8.24
CA THR A 85 -15.70 -1.00 -7.38
C THR A 85 -15.41 -1.35 -5.92
N GLY A 86 -15.94 -0.54 -5.00
CA GLY A 86 -15.65 -0.75 -3.56
C GLY A 86 -15.44 0.62 -2.98
N LYS A 87 -15.33 0.73 -1.66
CA LYS A 87 -15.21 2.06 -1.06
C LYS A 87 -13.96 2.78 -1.53
N ILE A 88 -12.87 2.04 -1.75
CA ILE A 88 -11.64 2.75 -2.14
C ILE A 88 -11.73 3.22 -3.59
N ALA A 89 -12.07 2.30 -4.53
CA ALA A 89 -12.17 2.69 -5.92
C ALA A 89 -13.26 3.74 -6.14
N ASP A 90 -14.37 3.64 -5.42
CA ASP A 90 -15.50 4.53 -5.68
C ASP A 90 -15.35 5.89 -4.98
N TYR A 91 -14.82 5.89 -3.73
CA TYR A 91 -14.88 7.09 -2.91
C TYR A 91 -13.53 7.67 -2.59
N ASN A 92 -12.41 7.01 -2.95
CA ASN A 92 -11.12 7.53 -2.53
C ASN A 92 -10.12 7.72 -3.68
N TYR A 93 -9.91 6.71 -4.52
CA TYR A 93 -8.92 6.81 -5.60
C TYR A 93 -9.37 5.89 -6.74
N LYS A 94 -9.60 6.48 -7.89
CA LYS A 94 -10.25 5.83 -9.02
C LYS A 94 -9.32 5.88 -10.23
N LEU A 95 -9.05 4.70 -10.83
CA LEU A 95 -8.33 4.67 -12.10
C LEU A 95 -9.31 4.69 -13.29
N PRO A 96 -8.94 5.32 -14.40
CA PRO A 96 -9.80 5.30 -15.61
C PRO A 96 -9.81 3.92 -16.24
N ASP A 97 -10.88 3.63 -17.02
CA ASP A 97 -10.97 2.32 -17.67
C ASP A 97 -9.76 2.06 -18.58
N ASP A 98 -9.25 3.11 -19.21
CA ASP A 98 -8.17 3.01 -20.19
C ASP A 98 -6.80 3.28 -19.59
N PHE A 99 -6.68 3.09 -18.25
CA PHE A 99 -5.43 3.24 -17.54
C PHE A 99 -4.31 2.52 -18.27
N THR A 100 -3.20 3.22 -18.42
CA THR A 100 -1.94 2.66 -18.89
C THR A 100 -0.91 2.93 -17.82
N GLY A 101 -0.43 1.89 -17.17
CA GLY A 101 0.51 2.15 -16.10
C GLY A 101 0.61 0.89 -15.28
N CYS A 102 1.22 1.04 -14.11
CA CYS A 102 1.46 -0.10 -13.24
C CYS A 102 1.10 0.27 -11.82
N VAL A 103 0.61 -0.71 -11.07
CA VAL A 103 0.21 -0.53 -9.68
C VAL A 103 1.12 -1.43 -8.84
N ILE A 104 1.79 -0.85 -7.85
CA ILE A 104 2.85 -1.52 -7.09
C ILE A 104 2.44 -1.35 -5.63
N ALA A 105 2.52 -2.43 -4.83
CA ALA A 105 2.21 -2.30 -3.41
C ALA A 105 3.08 -3.27 -2.62
N TRP A 106 3.25 -2.97 -1.33
CA TRP A 106 3.96 -3.86 -0.45
C TRP A 106 3.40 -3.72 0.95
N ASN A 107 3.55 -4.79 1.74
CA ASN A 107 3.05 -4.79 3.13
C ASN A 107 3.90 -3.83 3.98
N SER A 108 3.27 -2.89 4.67
CA SER A 108 4.07 -1.90 5.42
C SER A 108 3.78 -2.02 6.92
N ASN A 109 3.36 -3.22 7.34
CA ASN A 109 3.01 -3.43 8.77
C ASN A 109 4.13 -2.96 9.67
N ASN A 110 5.38 -3.16 9.27
CA ASN A 110 6.48 -2.87 10.19
C ASN A 110 6.62 -1.38 10.43
N LEU A 111 6.20 -0.53 9.47
CA LEU A 111 6.28 0.93 9.66
C LEU A 111 4.97 1.61 9.99
N ASP A 112 3.87 1.10 9.48
CA ASP A 112 2.63 1.85 9.54
C ASP A 112 1.67 1.32 10.59
N SER A 113 2.00 0.26 11.30
CA SER A 113 1.14 -0.09 12.41
C SER A 113 1.88 0.22 13.71
N LYS A 114 1.16 0.35 14.82
CA LYS A 114 1.87 0.42 16.10
C LYS A 114 1.02 -0.21 17.20
N VAL A 115 1.71 -0.66 18.25
CA VAL A 115 1.02 -1.28 19.38
C VAL A 115 -0.04 -0.35 19.91
N GLY A 116 -1.25 -0.87 20.10
CA GLY A 116 -2.41 -0.07 20.52
C GLY A 116 -3.14 0.57 19.36
N GLY A 117 -2.50 0.63 18.20
CA GLY A 117 -3.19 1.04 17.00
C GLY A 117 -2.65 2.32 16.39
N ASN A 118 -2.47 2.35 15.05
CA ASN A 118 -2.10 3.58 14.36
C ASN A 118 -3.37 4.10 13.69
N TYR A 119 -3.90 5.22 14.19
CA TYR A 119 -5.10 5.85 13.64
C TYR A 119 -4.79 7.02 12.69
N ASN A 120 -3.53 7.25 12.38
CA ASN A 120 -3.16 8.40 11.59
C ASN A 120 -3.67 8.34 10.14
N TYR A 121 -3.93 7.14 9.61
CA TYR A 121 -4.34 6.99 8.22
C TYR A 121 -5.85 6.89 8.14
N LEU A 122 -6.46 7.71 7.27
CA LEU A 122 -7.89 7.84 7.08
C LEU A 122 -8.32 7.42 5.66
N TYR A 123 -9.59 7.03 5.56
CA TYR A 123 -10.22 6.89 4.25
C TYR A 123 -11.67 7.37 4.28
N ARG A 124 -12.21 7.60 3.07
CA ARG A 124 -13.57 8.11 2.95
C ARG A 124 -14.49 6.90 2.87
N LEU A 125 -15.47 6.83 3.78
CA LEU A 125 -16.37 5.67 3.88
C LEU A 125 -17.65 5.89 3.08
N PHE A 126 -18.05 7.13 2.86
CA PHE A 126 -19.33 7.51 2.26
C PHE A 126 -19.12 8.60 1.23
N ARG A 127 -19.95 8.57 0.19
CA ARG A 127 -20.01 9.68 -0.76
C ARG A 127 -21.31 9.61 -1.55
N LYS A 128 -21.81 10.76 -1.96
CA LYS A 128 -23.07 10.78 -2.72
C LYS A 128 -22.93 10.22 -4.12
N SER A 129 -21.74 10.28 -4.71
CA SER A 129 -21.53 9.76 -6.05
C SER A 129 -20.10 9.23 -6.14
N ASN A 130 -19.85 8.41 -7.15
CA ASN A 130 -18.49 7.89 -7.32
C ASN A 130 -17.53 8.96 -7.80
N LEU A 131 -16.27 8.84 -7.41
CA LEU A 131 -15.25 9.75 -7.93
C LEU A 131 -15.12 9.50 -9.44
N LYS A 132 -14.79 10.56 -10.16
CA LYS A 132 -14.26 10.46 -11.53
C LYS A 132 -12.80 10.02 -11.46
N PRO A 133 -12.26 9.44 -12.55
CA PRO A 133 -10.87 8.98 -12.51
C PRO A 133 -9.90 10.10 -12.12
N PHE A 134 -8.99 9.78 -11.19
CA PHE A 134 -7.98 10.72 -10.69
C PHE A 134 -8.61 11.95 -9.98
N GLU A 135 -9.88 11.88 -9.59
CA GLU A 135 -10.46 12.90 -8.72
C GLU A 135 -9.99 12.71 -7.27
N ARG A 136 -9.88 13.83 -6.54
CA ARG A 136 -9.55 13.81 -5.11
C ARG A 136 -10.61 14.61 -4.35
N ASP A 137 -11.13 14.04 -3.31
CA ASP A 137 -12.14 14.68 -2.48
C ASP A 137 -11.56 14.78 -1.07
N ILE A 138 -11.38 16.01 -0.58
CA ILE A 138 -10.94 16.13 0.81
C ILE A 138 -11.97 16.88 1.68
N SER A 139 -13.23 16.89 1.27
CA SER A 139 -14.30 17.55 1.98
C SER A 139 -14.71 16.75 3.21
N THR A 140 -15.38 17.45 4.15
CA THR A 140 -15.79 16.79 5.39
C THR A 140 -17.25 17.17 5.73
N GLU A 141 -18.12 17.25 4.72
CA GLU A 141 -19.55 17.45 5.00
C GLU A 141 -20.18 16.20 5.61
N ILE A 142 -21.19 16.40 6.46
CA ILE A 142 -21.88 15.25 7.03
C ILE A 142 -22.64 14.53 5.92
N TYR A 143 -22.54 13.22 5.88
CA TYR A 143 -23.12 12.41 4.82
C TYR A 143 -24.55 11.98 5.20
N GLN A 144 -25.49 12.23 4.29
CA GLN A 144 -26.89 11.92 4.50
C GLN A 144 -27.10 10.51 3.99
N ALA A 145 -27.22 9.54 4.91
CA ALA A 145 -27.45 8.15 4.51
C ALA A 145 -28.92 7.80 4.40
N GLY A 146 -29.82 8.61 4.96
CA GLY A 146 -31.22 8.24 4.94
C GLY A 146 -32.08 9.30 4.30
N SER A 147 -33.35 9.37 4.66
CA SER A 147 -34.24 10.36 4.05
C SER A 147 -34.16 11.70 4.72
N THR A 148 -33.71 11.77 5.97
CA THR A 148 -33.80 13.01 6.74
C THR A 148 -32.57 13.88 6.40
N PRO A 149 -32.73 15.17 6.06
CA PRO A 149 -31.55 16.07 5.93
C PRO A 149 -30.72 16.04 7.20
N CYS A 150 -29.42 16.12 7.06
CA CYS A 150 -28.57 16.13 8.25
C CYS A 150 -28.38 17.52 8.82
N ASN A 151 -28.60 18.58 8.02
CA ASN A 151 -28.38 19.97 8.52
C ASN A 151 -27.00 20.16 9.15
N GLY A 152 -25.99 19.49 8.59
CA GLY A 152 -24.61 19.64 9.10
C GLY A 152 -24.24 18.96 10.41
N VAL A 153 -25.13 18.16 11.00
CA VAL A 153 -25.00 17.62 12.36
C VAL A 153 -25.01 16.09 12.27
N GLU A 154 -24.17 15.41 13.06
CA GLU A 154 -24.20 13.96 13.10
C GLU A 154 -25.43 13.46 13.87
N GLY A 155 -25.92 12.28 13.52
CA GLY A 155 -27.09 11.72 14.19
C GLY A 155 -27.42 10.42 13.50
N PHE A 156 -28.58 9.84 13.81
CA PHE A 156 -28.97 8.61 13.09
C PHE A 156 -28.91 8.91 11.59
N ASN A 157 -28.33 7.97 10.81
CA ASN A 157 -28.28 8.13 9.35
C ASN A 157 -27.50 9.37 8.87
N CYS A 158 -26.71 10.00 9.74
CA CYS A 158 -25.98 11.22 9.40
C CYS A 158 -24.57 11.13 9.91
N TYR A 159 -23.59 10.92 9.01
CA TYR A 159 -22.29 10.40 9.43
C TYR A 159 -21.15 11.29 8.96
N PHE A 160 -20.16 11.48 9.83
CA PHE A 160 -18.89 12.08 9.37
C PHE A 160 -18.30 11.14 8.31
N PRO A 161 -17.80 11.66 7.20
CA PRO A 161 -17.51 10.77 6.07
C PRO A 161 -16.14 10.11 6.07
N LEU A 162 -15.22 10.48 6.96
CA LEU A 162 -13.90 9.85 6.99
C LEU A 162 -13.82 8.93 8.20
N GLN A 163 -13.05 7.86 8.03
CA GLN A 163 -12.90 6.84 9.07
C GLN A 163 -11.41 6.55 9.19
N SER A 164 -10.91 6.23 10.39
CA SER A 164 -9.50 5.90 10.53
C SER A 164 -9.35 4.39 10.35
N TYR A 165 -8.32 3.96 9.64
CA TYR A 165 -7.99 2.53 9.66
C TYR A 165 -7.63 1.98 11.04
N GLY A 166 -6.91 2.74 11.84
CA GLY A 166 -6.49 1.97 13.07
C GLY A 166 -5.68 0.65 12.95
N PHE A 167 -4.48 0.71 12.37
CA PHE A 167 -3.67 -0.47 12.09
C PHE A 167 -2.96 -0.95 13.33
N GLN A 168 -3.17 -2.22 13.65
CA GLN A 168 -2.50 -2.86 14.77
C GLN A 168 -1.63 -3.98 14.26
N PRO A 169 -0.43 -4.20 14.83
CA PRO A 169 0.51 -5.15 14.23
C PRO A 169 0.02 -6.59 14.29
N THR A 170 -0.97 -6.89 15.13
CA THR A 170 -1.58 -8.21 15.22
C THR A 170 -2.78 -8.38 14.29
N ASN A 171 -3.18 -7.36 13.55
CA ASN A 171 -4.22 -7.54 12.54
C ASN A 171 -3.82 -8.68 11.61
N GLY A 172 -4.84 -9.39 11.10
CA GLY A 172 -4.61 -10.29 9.97
C GLY A 172 -4.07 -9.54 8.76
N VAL A 173 -3.35 -10.26 7.90
CA VAL A 173 -2.61 -9.58 6.83
C VAL A 173 -3.56 -8.85 5.86
N GLY A 174 -4.80 -9.31 5.73
CA GLY A 174 -5.75 -8.56 4.91
C GLY A 174 -6.10 -7.20 5.48
N TYR A 175 -5.91 -7.01 6.76
CA TYR A 175 -6.21 -5.75 7.43
C TYR A 175 -4.96 -4.96 7.80
N GLN A 176 -3.79 -5.42 7.41
CA GLN A 176 -2.59 -4.67 7.70
C GLN A 176 -2.43 -3.56 6.67
N PRO A 177 -1.59 -2.55 6.97
CA PRO A 177 -1.39 -1.46 6.00
C PRO A 177 -0.45 -1.88 4.87
N TYR A 178 -0.79 -1.42 3.66
CA TYR A 178 0.03 -1.57 2.46
C TYR A 178 0.27 -0.20 1.87
N ARG A 179 1.54 0.06 1.54
CA ARG A 179 1.88 1.25 0.77
C ARG A 179 1.70 0.93 -0.71
N VAL A 180 1.11 1.87 -1.45
CA VAL A 180 0.78 1.71 -2.87
C VAL A 180 1.42 2.86 -3.64
N VAL A 181 2.05 2.55 -4.77
CA VAL A 181 2.45 3.54 -5.78
C VAL A 181 1.77 3.17 -7.10
N VAL A 182 1.08 4.13 -7.68
CA VAL A 182 0.50 3.97 -9.03
C VAL A 182 1.34 4.79 -9.99
N LEU A 183 1.94 4.14 -10.98
CA LEU A 183 2.70 4.83 -12.01
C LEU A 183 1.82 4.96 -13.24
N SER A 184 1.55 6.19 -13.69
CA SER A 184 0.82 6.44 -14.93
C SER A 184 1.82 6.80 -16.02
N PHE A 185 1.73 6.14 -17.18
CA PHE A 185 2.56 6.47 -18.33
C PHE A 185 1.63 7.00 -19.42
N GLU A 186 1.67 8.30 -19.65
CA GLU A 186 0.72 8.93 -20.56
C GLU A 186 1.39 9.32 -21.87
N LEU A 187 0.86 8.82 -22.95
CA LEU A 187 1.35 9.08 -24.30
C LEU A 187 0.33 10.00 -24.94
N LEU A 188 0.62 11.29 -24.96
CA LEU A 188 -0.36 12.30 -25.31
C LEU A 188 0.05 12.95 -26.63
N HIS A 189 -0.85 13.77 -27.19
CA HIS A 189 -0.51 14.51 -28.41
C HIS A 189 0.32 15.72 -27.96
N ALA A 190 1.61 15.46 -27.74
CA ALA A 190 2.63 16.41 -27.28
C ALA A 190 3.96 15.66 -27.22
N PRO A 191 5.11 16.35 -27.25
CA PRO A 191 6.38 15.62 -27.26
C PRO A 191 6.58 14.77 -26.01
N ALA A 192 7.06 13.53 -26.22
CA ALA A 192 7.26 12.55 -25.15
C ALA A 192 8.66 12.71 -24.58
N THR A 193 8.78 13.44 -23.47
CA THR A 193 10.06 13.87 -22.92
C THR A 193 10.44 13.17 -21.61
N VAL A 194 9.73 12.13 -21.20
CA VAL A 194 10.17 11.29 -20.08
C VAL A 194 10.50 9.93 -20.67
N CYS A 195 11.79 9.67 -20.88
CA CYS A 195 12.25 8.46 -21.56
C CYS A 195 13.13 7.64 -20.62
N GLY A 196 13.21 6.34 -20.91
CA GLY A 196 14.18 5.51 -20.26
C GLY A 196 15.55 5.76 -20.82
N PRO A 197 16.53 5.01 -20.35
CA PRO A 197 17.88 5.15 -20.90
C PRO A 197 17.96 4.81 -22.40
N LYS A 198 17.11 3.87 -22.86
CA LYS A 198 17.01 3.32 -24.24
C LYS A 198 18.33 2.68 -24.66
N VAL B 5 -12.35 -22.14 -9.35
CA VAL B 5 -11.63 -22.81 -10.44
C VAL B 5 -10.36 -23.62 -9.99
N GLN B 6 -10.20 -24.88 -10.43
CA GLN B 6 -9.08 -25.71 -9.99
C GLN B 6 -7.97 -25.61 -11.04
N LEU B 7 -6.72 -25.41 -10.61
CA LEU B 7 -5.55 -25.46 -11.48
C LEU B 7 -4.72 -26.68 -11.14
N VAL B 8 -4.40 -27.51 -12.15
CA VAL B 8 -3.67 -28.77 -11.96
C VAL B 8 -2.41 -28.76 -12.80
N GLU B 9 -1.25 -28.88 -12.13
CA GLU B 9 0.04 -28.89 -12.86
C GLU B 9 0.52 -30.26 -13.22
N SER B 10 1.33 -30.32 -14.31
CA SER B 10 1.99 -31.52 -14.79
C SER B 10 3.37 -31.15 -15.29
N GLY B 11 4.19 -32.18 -15.50
CA GLY B 11 5.50 -32.01 -16.11
C GLY B 11 6.55 -31.90 -15.03
N GLY B 12 7.61 -31.15 -15.29
CA GLY B 12 8.58 -31.02 -14.21
C GLY B 12 9.34 -32.32 -13.92
N GLY B 13 9.97 -32.37 -12.74
CA GLY B 13 10.80 -33.52 -12.36
C GLY B 13 12.29 -33.20 -12.34
N LEU B 14 13.08 -34.26 -12.47
CA LEU B 14 14.53 -34.11 -12.43
C LEU B 14 15.11 -33.98 -13.84
N VAL B 15 16.18 -33.19 -13.92
CA VAL B 15 16.86 -32.96 -15.19
C VAL B 15 18.32 -32.62 -14.91
N GLN B 16 19.17 -32.95 -15.89
CA GLN B 16 20.60 -32.63 -15.81
C GLN B 16 20.80 -31.18 -16.25
N ALA B 17 21.76 -30.51 -15.60
CA ALA B 17 22.05 -29.12 -15.90
C ALA B 17 22.26 -28.92 -17.39
N GLY B 18 21.70 -27.83 -17.92
CA GLY B 18 21.72 -27.55 -19.34
C GLY B 18 20.59 -28.18 -20.12
N GLY B 19 19.83 -29.08 -19.50
CA GLY B 19 18.71 -29.71 -20.15
C GLY B 19 17.47 -28.82 -20.07
N SER B 20 16.35 -29.39 -20.54
CA SER B 20 15.11 -28.63 -20.62
C SER B 20 13.93 -29.43 -20.04
N LEU B 21 12.86 -28.71 -19.71
CA LEU B 21 11.63 -29.31 -19.17
C LEU B 21 10.45 -28.44 -19.56
N ARG B 22 9.28 -29.06 -19.70
CA ARG B 22 8.05 -28.30 -19.93
C ARG B 22 7.10 -28.56 -18.77
N LEU B 23 6.59 -27.49 -18.19
CA LEU B 23 5.53 -27.59 -17.22
C LEU B 23 4.23 -27.18 -17.90
N SER B 24 3.13 -27.79 -17.48
CA SER B 24 1.84 -27.27 -17.91
C SER B 24 0.92 -27.14 -16.73
N CYS B 25 -0.15 -26.40 -16.95
CA CYS B 25 -1.13 -26.13 -15.91
C CYS B 25 -2.49 -26.01 -16.57
N ALA B 26 -3.39 -26.94 -16.26
CA ALA B 26 -4.70 -26.99 -16.89
C ALA B 26 -5.73 -26.49 -15.89
N ALA B 27 -6.65 -25.64 -16.35
CA ALA B 27 -7.69 -25.06 -15.50
C ALA B 27 -9.04 -25.71 -15.77
N SER B 28 -9.80 -25.89 -14.69
CA SER B 28 -11.17 -26.36 -14.86
C SER B 28 -12.05 -25.19 -15.31
N GLY B 29 -13.26 -25.52 -15.70
CA GLY B 29 -14.24 -24.48 -15.96
C GLY B 29 -14.16 -23.99 -17.40
N ARG B 30 -14.90 -22.91 -17.63
CA ARG B 30 -15.10 -22.41 -18.98
C ARG B 30 -14.66 -20.94 -19.12
N ALA B 31 -13.98 -20.39 -18.10
CA ALA B 31 -13.58 -18.98 -18.05
C ALA B 31 -12.10 -18.77 -18.36
N PHE B 32 -11.41 -19.76 -18.97
CA PHE B 32 -9.93 -19.68 -19.04
C PHE B 32 -9.43 -18.53 -19.91
N SER B 33 -10.15 -18.19 -20.99
CA SER B 33 -9.72 -17.07 -21.81
C SER B 33 -9.87 -15.73 -21.08
N ARG B 34 -10.51 -15.71 -19.90
CA ARG B 34 -10.52 -14.51 -19.09
C ARG B 34 -9.26 -14.30 -18.27
N TYR B 35 -8.36 -15.26 -18.18
CA TYR B 35 -7.35 -15.21 -17.13
C TYR B 35 -6.01 -14.72 -17.66
N PHE B 36 -5.39 -13.82 -16.91
CA PHE B 36 -3.95 -13.63 -16.98
C PHE B 36 -3.30 -14.77 -16.17
N MET B 37 -2.33 -15.48 -16.75
CA MET B 37 -1.71 -16.66 -16.14
C MET B 37 -0.26 -16.40 -15.74
N GLY B 38 0.17 -16.87 -14.56
CA GLY B 38 1.53 -16.67 -14.11
C GLY B 38 2.14 -17.98 -13.65
N TRP B 39 3.49 -18.04 -13.69
CA TRP B 39 4.28 -19.09 -13.08
C TRP B 39 5.16 -18.46 -12.01
N PHE B 40 5.31 -19.17 -10.88
CA PHE B 40 6.07 -18.73 -9.73
C PHE B 40 6.93 -19.92 -9.32
N ARG B 41 8.02 -19.68 -8.57
CA ARG B 41 8.90 -20.74 -8.11
C ARG B 41 9.21 -20.49 -6.65
N GLN B 42 9.43 -21.57 -5.89
CA GLN B 42 9.71 -21.40 -4.46
C GLN B 42 10.84 -22.33 -4.13
N ALA B 43 11.97 -21.73 -3.87
CA ALA B 43 13.19 -22.50 -3.75
C ALA B 43 13.44 -22.71 -2.28
N PRO B 44 14.26 -23.73 -1.92
CA PRO B 44 14.50 -24.00 -0.49
C PRO B 44 14.93 -22.77 0.33
N GLY B 45 14.10 -22.32 1.27
CA GLY B 45 14.48 -21.22 2.15
C GLY B 45 14.13 -19.81 1.71
N LYS B 46 13.44 -19.64 0.57
CA LYS B 46 13.02 -18.34 0.07
C LYS B 46 11.49 -18.35 -0.12
N GLU B 47 10.90 -17.15 -0.17
CA GLU B 47 9.47 -17.08 -0.44
C GLU B 47 9.22 -17.27 -1.94
N ARG B 48 7.96 -17.48 -2.27
CA ARG B 48 7.56 -17.67 -3.66
C ARG B 48 7.89 -16.43 -4.50
N GLU B 49 8.47 -16.61 -5.71
CA GLU B 49 8.79 -15.46 -6.54
C GLU B 49 8.33 -15.66 -7.98
N PHE B 50 8.02 -14.55 -8.64
CA PHE B 50 7.49 -14.59 -9.99
C PHE B 50 8.54 -15.10 -10.97
N VAL B 51 8.09 -15.90 -11.96
CA VAL B 51 8.93 -16.36 -13.06
C VAL B 51 8.48 -15.74 -14.40
N ALA B 52 7.20 -15.88 -14.73
CA ALA B 52 6.71 -15.52 -16.07
C ALA B 52 5.20 -15.32 -16.02
N GLY B 53 4.69 -14.48 -16.94
CA GLY B 53 3.29 -14.14 -17.00
C GLY B 53 2.85 -13.99 -18.45
N ILE B 54 1.56 -14.23 -18.71
CA ILE B 54 1.06 -14.16 -20.08
C ILE B 54 -0.37 -13.64 -20.08
N SER B 55 -0.67 -12.73 -21.02
CA SER B 55 -1.98 -12.12 -21.05
C SER B 55 -3.00 -13.13 -21.59
N ARG B 56 -4.28 -12.81 -21.43
CA ARG B 56 -5.34 -13.77 -21.70
C ARG B 56 -5.33 -14.25 -23.17
N SER B 57 -4.93 -13.38 -24.12
CA SER B 57 -4.86 -13.73 -25.53
C SER B 57 -3.48 -14.23 -25.94
N GLY B 58 -2.52 -14.21 -25.02
CA GLY B 58 -1.16 -14.55 -25.40
C GLY B 58 -0.40 -13.43 -26.09
N GLY B 59 -1.01 -12.26 -26.26
CA GLY B 59 -0.35 -11.15 -26.93
C GLY B 59 0.82 -10.54 -26.17
N SER B 60 0.82 -10.60 -24.83
CA SER B 60 1.89 -10.00 -24.04
C SER B 60 2.49 -11.05 -23.12
N THR B 61 3.82 -11.14 -23.05
CA THR B 61 4.49 -12.00 -22.07
C THR B 61 5.33 -11.13 -21.14
N ASP B 62 5.76 -11.71 -20.02
CA ASP B 62 6.49 -10.96 -19.00
C ASP B 62 7.39 -11.96 -18.27
N TYR B 63 8.68 -11.64 -18.14
CA TYR B 63 9.64 -12.58 -17.55
C TYR B 63 10.44 -11.93 -16.42
N ALA B 64 10.69 -12.70 -15.36
CA ALA B 64 11.58 -12.24 -14.30
C ALA B 64 12.98 -12.02 -14.86
N ASN B 65 13.77 -11.21 -14.13
CA ASN B 65 15.11 -10.85 -14.57
C ASN B 65 16.04 -12.07 -14.70
N PHE B 66 15.79 -13.16 -13.95
CA PHE B 66 16.68 -14.33 -14.04
C PHE B 66 16.35 -15.26 -15.20
N VAL B 67 15.30 -15.00 -15.97
CA VAL B 67 14.97 -15.90 -17.08
C VAL B 67 15.99 -15.77 -18.19
N LYS B 68 16.38 -14.53 -18.53
CA LYS B 68 17.46 -14.32 -19.50
C LYS B 68 17.14 -15.02 -20.81
N GLY B 69 15.91 -14.93 -21.28
CA GLY B 69 15.60 -15.55 -22.56
C GLY B 69 15.51 -17.06 -22.59
N ARG B 70 15.67 -17.74 -21.44
CA ARG B 70 15.76 -19.21 -21.45
C ARG B 70 14.41 -19.91 -21.43
N PHE B 71 13.36 -19.25 -20.95
CA PHE B 71 12.05 -19.87 -20.74
C PHE B 71 11.03 -19.22 -21.64
N THR B 72 10.07 -20.01 -22.12
CA THR B 72 8.96 -19.47 -22.88
C THR B 72 7.64 -19.86 -22.24
N ILE B 73 6.82 -18.86 -21.95
CA ILE B 73 5.46 -19.07 -21.48
C ILE B 73 4.55 -18.97 -22.69
N SER B 74 3.56 -19.85 -22.76
CA SER B 74 2.64 -19.90 -23.90
C SER B 74 1.31 -20.43 -23.38
N ARG B 75 0.24 -20.24 -24.15
CA ARG B 75 -1.02 -20.83 -23.72
C ARG B 75 -1.80 -21.35 -24.90
N ASP B 76 -2.72 -22.27 -24.60
CA ASP B 76 -3.68 -22.77 -25.59
C ASP B 76 -5.05 -22.67 -24.94
N ASN B 77 -5.82 -21.63 -25.30
CA ASN B 77 -7.09 -21.42 -24.63
C ASN B 77 -8.08 -22.52 -24.94
N ALA B 78 -7.97 -23.14 -26.10
CA ALA B 78 -8.86 -24.23 -26.46
C ALA B 78 -8.57 -25.51 -25.68
N LYS B 79 -7.42 -25.62 -24.98
CA LYS B 79 -7.21 -26.71 -24.04
C LYS B 79 -7.16 -26.24 -22.59
N ASN B 80 -7.55 -25.00 -22.30
CA ASN B 80 -7.51 -24.46 -20.92
C ASN B 80 -6.14 -24.59 -20.24
N THR B 81 -5.05 -24.46 -20.99
CA THR B 81 -3.72 -24.80 -20.50
C THR B 81 -2.72 -23.69 -20.76
N VAL B 82 -1.89 -23.41 -19.75
CA VAL B 82 -0.73 -22.55 -19.92
C VAL B 82 0.51 -23.41 -19.73
N TYR B 83 1.60 -23.02 -20.39
CA TYR B 83 2.83 -23.81 -20.45
C TYR B 83 4.02 -22.95 -20.07
N LEU B 84 5.05 -23.61 -19.55
CA LEU B 84 6.35 -22.99 -19.30
C LEU B 84 7.41 -23.93 -19.84
N GLN B 85 7.98 -23.57 -21.00
CA GLN B 85 9.10 -24.31 -21.56
C GLN B 85 10.39 -23.77 -20.94
N MET B 86 11.18 -24.63 -20.31
CA MET B 86 12.35 -24.17 -19.58
C MET B 86 13.58 -24.79 -20.25
N ASN B 87 14.40 -23.98 -20.92
CA ASN B 87 15.63 -24.47 -21.55
C ASN B 87 16.87 -24.02 -20.77
N SER B 88 18.00 -24.67 -21.07
CA SER B 88 19.30 -24.36 -20.47
C SER B 88 19.19 -24.25 -18.95
N LEU B 89 18.67 -25.29 -18.32
CA LEU B 89 18.44 -25.23 -16.89
C LEU B 89 19.75 -25.32 -16.12
N LYS B 90 19.84 -24.55 -15.04
CA LYS B 90 20.89 -24.43 -14.06
C LYS B 90 20.41 -24.99 -12.72
N PRO B 91 21.29 -25.51 -11.89
CA PRO B 91 20.88 -25.90 -10.52
C PRO B 91 20.24 -24.79 -9.71
N GLU B 92 20.69 -23.55 -9.89
CA GLU B 92 20.00 -22.38 -9.39
C GLU B 92 18.50 -22.37 -9.69
N ASP B 93 18.02 -23.17 -10.64
CA ASP B 93 16.59 -23.15 -11.00
C ASP B 93 15.76 -24.16 -10.22
N THR B 94 16.41 -25.01 -9.41
CA THR B 94 15.73 -26.00 -8.60
C THR B 94 14.76 -25.31 -7.64
N ALA B 95 13.51 -25.78 -7.63
CA ALA B 95 12.45 -25.10 -6.88
C ALA B 95 11.14 -25.85 -7.08
N VAL B 96 10.15 -25.51 -6.25
CA VAL B 96 8.77 -25.91 -6.47
C VAL B 96 8.13 -24.85 -7.36
N TYR B 97 7.59 -25.27 -8.51
CA TYR B 97 6.99 -24.35 -9.48
C TYR B 97 5.46 -24.39 -9.40
N TYR B 98 4.87 -23.21 -9.28
CA TYR B 98 3.43 -23.00 -9.19
C TYR B 98 2.90 -22.27 -10.41
N CYS B 99 1.70 -22.70 -10.82
CA CYS B 99 0.76 -22.07 -11.78
C CYS B 99 -0.13 -21.12 -10.99
N ALA B 100 -0.51 -19.94 -11.55
CA ALA B 100 -1.52 -19.10 -10.90
C ALA B 100 -2.38 -18.35 -11.92
N ALA B 101 -3.63 -18.01 -11.52
CA ALA B 101 -4.57 -17.32 -12.43
C ALA B 101 -5.19 -16.11 -11.73
N THR B 102 -5.44 -15.05 -12.50
CA THR B 102 -6.15 -13.88 -12.01
C THR B 102 -7.04 -13.35 -13.14
N VAL B 103 -8.27 -12.90 -12.82
CA VAL B 103 -9.17 -12.52 -13.92
C VAL B 103 -8.80 -11.15 -14.45
N ASP B 104 -8.65 -11.06 -15.77
CA ASP B 104 -8.38 -9.77 -16.40
C ASP B 104 -9.72 -9.05 -16.58
N TYR B 105 -10.27 -8.48 -15.50
CA TYR B 105 -11.58 -7.81 -15.60
C TYR B 105 -11.61 -6.67 -16.61
N SER B 106 -10.59 -5.82 -16.61
CA SER B 106 -10.59 -4.65 -17.49
C SER B 106 -10.23 -5.00 -18.92
N GLY B 107 -9.75 -6.21 -19.15
CA GLY B 107 -9.30 -6.62 -20.47
C GLY B 107 -7.97 -6.05 -20.88
N THR B 108 -7.28 -5.31 -19.99
CA THR B 108 -6.03 -4.64 -20.35
C THR B 108 -4.83 -5.07 -19.52
N LEU B 109 -4.97 -6.11 -18.69
CA LEU B 109 -3.84 -6.56 -17.89
C LEU B 109 -2.70 -7.11 -18.74
N THR B 110 -1.52 -6.54 -18.57
CA THR B 110 -0.36 -6.95 -19.35
C THR B 110 0.78 -7.51 -18.50
N ALA B 111 0.68 -7.38 -17.16
CA ALA B 111 1.65 -7.99 -16.26
C ALA B 111 1.00 -8.16 -14.89
N ALA B 112 1.41 -9.23 -14.19
CA ALA B 112 0.99 -9.44 -12.82
C ALA B 112 2.09 -10.27 -12.17
N ARG B 113 2.82 -9.66 -11.25
CA ARG B 113 3.99 -10.34 -10.68
C ARG B 113 3.90 -10.56 -9.17
N GLY B 114 2.99 -9.93 -8.47
CA GLY B 114 2.98 -10.07 -7.02
C GLY B 114 2.27 -11.34 -6.58
N ARG B 115 2.77 -11.92 -5.48
CA ARG B 115 2.11 -13.08 -4.86
C ARG B 115 0.66 -12.79 -4.55
N GLU B 116 0.36 -11.56 -4.12
CA GLU B 116 -1.01 -11.20 -3.79
C GLU B 116 -1.86 -10.78 -5.02
N ASP B 117 -1.31 -10.85 -6.22
CA ASP B 117 -2.07 -10.46 -7.40
C ASP B 117 -2.89 -11.60 -7.99
N TYR B 118 -2.78 -12.79 -7.44
CA TYR B 118 -3.42 -13.98 -7.99
C TYR B 118 -4.28 -14.62 -6.93
N ASP B 119 -5.43 -15.14 -7.36
CA ASP B 119 -6.37 -15.69 -6.39
C ASP B 119 -6.49 -17.21 -6.47
N ASP B 120 -5.99 -17.87 -7.53
CA ASP B 120 -6.10 -19.34 -7.67
C ASP B 120 -4.74 -19.90 -8.03
N TRP B 121 -4.35 -21.01 -7.38
CA TRP B 121 -3.00 -21.59 -7.52
C TRP B 121 -3.03 -23.05 -7.86
N GLY B 122 -2.01 -23.48 -8.59
CA GLY B 122 -1.82 -24.85 -8.87
C GLY B 122 -1.13 -25.46 -7.63
N GLN B 123 -0.97 -26.75 -7.64
CA GLN B 123 -0.51 -27.47 -6.45
C GLN B 123 1.00 -27.41 -6.25
N GLY B 124 1.76 -26.90 -7.23
CA GLY B 124 3.21 -26.95 -7.17
C GLY B 124 3.81 -28.24 -7.64
N ILE B 125 4.86 -28.14 -8.46
CA ILE B 125 5.60 -29.29 -8.97
C ILE B 125 7.08 -29.07 -8.67
N GLN B 126 7.73 -30.07 -8.08
CA GLN B 126 9.17 -30.00 -7.87
C GLN B 126 9.93 -30.07 -9.19
N VAL B 127 10.85 -29.15 -9.39
CA VAL B 127 11.78 -29.22 -10.51
C VAL B 127 13.18 -29.29 -9.89
N THR B 128 13.98 -30.28 -10.29
CA THR B 128 15.32 -30.46 -9.75
C THR B 128 16.36 -30.55 -10.85
N VAL B 129 17.30 -29.60 -10.87
CA VAL B 129 18.37 -29.57 -11.87
C VAL B 129 19.65 -30.01 -11.16
N SER B 130 20.20 -31.13 -11.57
CA SER B 130 21.38 -31.69 -10.91
C SER B 130 22.65 -31.18 -11.57
N SER B 131 23.68 -30.96 -10.77
CA SER B 131 25.00 -30.58 -11.29
C SER B 131 25.51 -31.63 -12.28
N GLU C 4 8.21 18.68 6.88
CA GLU C 4 7.34 18.39 8.06
C GLU C 4 6.83 19.63 8.88
N VAL C 5 5.67 19.48 9.54
CA VAL C 5 5.14 20.56 10.40
C VAL C 5 6.04 20.77 11.62
N GLN C 6 6.07 21.99 12.16
CA GLN C 6 6.86 22.31 13.36
C GLN C 6 6.03 22.07 14.63
N LEU C 7 6.54 21.23 15.54
CA LEU C 7 5.82 20.92 16.77
C LEU C 7 6.54 21.54 17.97
N VAL C 8 5.78 21.88 19.01
CA VAL C 8 6.38 22.29 20.28
C VAL C 8 5.71 21.49 21.38
N GLU C 9 6.50 20.83 22.24
CA GLU C 9 5.95 20.00 23.30
C GLU C 9 6.26 20.68 24.62
N SER C 10 5.37 20.59 25.59
CA SER C 10 5.72 21.09 26.91
C SER C 10 5.09 20.21 27.98
N GLY C 11 5.58 20.37 29.20
CA GLY C 11 5.19 19.48 30.26
C GLY C 11 6.20 18.35 30.32
N GLY C 12 5.88 17.40 31.17
CA GLY C 12 6.80 16.29 31.33
C GLY C 12 7.63 16.50 32.55
N GLY C 13 8.53 15.55 32.79
CA GLY C 13 9.44 15.62 33.90
C GLY C 13 9.10 14.56 34.94
N THR C 14 9.45 14.81 36.17
CA THR C 14 9.35 13.78 37.21
C THR C 14 8.08 14.06 38.01
N VAL C 15 7.43 12.99 38.47
CA VAL C 15 6.21 13.14 39.27
C VAL C 15 6.16 11.96 40.25
N GLN C 16 5.59 12.16 41.42
CA GLN C 16 5.46 11.06 42.39
C GLN C 16 4.36 10.09 41.97
N PRO C 17 4.53 8.79 42.21
CA PRO C 17 3.46 7.85 41.88
C PRO C 17 2.12 8.27 42.49
N GLY C 18 1.05 8.12 41.68
CA GLY C 18 -0.25 8.58 42.04
C GLY C 18 -0.53 10.01 41.64
N GLY C 19 0.51 10.80 41.32
CA GLY C 19 0.38 12.19 40.94
C GLY C 19 -0.07 12.33 39.50
N SER C 20 -0.05 13.56 39.03
CA SER C 20 -0.56 13.77 37.67
C SER C 20 0.33 14.77 36.94
N LEU C 21 0.28 14.72 35.60
CA LEU C 21 1.03 15.62 34.72
C LEU C 21 0.15 15.98 33.54
N ARG C 22 0.42 17.14 32.95
CA ARG C 22 -0.28 17.52 31.73
C ARG C 22 0.75 17.80 30.62
N LEU C 23 0.66 17.11 29.50
CA LEU C 23 1.57 17.36 28.39
C LEU C 23 0.82 18.18 27.34
N SER C 24 1.53 18.98 26.59
CA SER C 24 0.87 19.71 25.52
C SER C 24 1.71 19.59 24.26
N CYS C 25 1.02 19.58 23.12
CA CYS C 25 1.70 19.50 21.86
C CYS C 25 1.00 20.46 20.90
N GLU C 26 1.75 21.46 20.44
CA GLU C 26 1.25 22.53 19.58
C GLU C 26 1.86 22.35 18.20
N VAL C 27 1.05 22.41 17.15
CA VAL C 27 1.59 22.45 15.79
C VAL C 27 1.35 23.86 15.27
N SER C 28 2.41 24.51 14.82
CA SER C 28 2.29 25.91 14.48
C SER C 28 2.32 26.03 12.97
N GLY C 29 1.95 27.20 12.50
CA GLY C 29 2.06 27.50 11.09
C GLY C 29 0.74 27.27 10.38
N THR C 30 0.82 27.45 9.07
CA THR C 30 -0.37 27.37 8.25
C THR C 30 -0.04 26.64 6.95
N GLY C 31 -1.09 26.42 6.19
CA GLY C 31 -0.94 25.85 4.88
C GLY C 31 -1.05 24.35 4.87
N PHE C 32 -1.39 23.73 6.00
CA PHE C 32 -1.50 22.27 6.03
C PHE C 32 -2.83 21.88 6.64
N THR C 33 -3.28 20.66 6.34
CA THR C 33 -4.51 20.12 6.85
C THR C 33 -4.18 18.97 7.80
N ILE C 34 -4.82 18.94 8.95
CA ILE C 34 -4.43 17.97 10.00
C ILE C 34 -5.31 16.72 9.90
N ASN C 35 -4.69 15.55 9.80
CA ASN C 35 -5.44 14.29 9.90
C ASN C 35 -5.51 13.74 11.30
N ALA C 36 -4.42 13.88 12.07
CA ALA C 36 -4.45 13.40 13.45
C ALA C 36 -3.46 14.17 14.31
N MET C 37 -3.74 14.31 15.62
CA MET C 37 -2.76 14.83 16.59
C MET C 37 -2.87 13.99 17.85
N GLY C 38 -1.76 13.46 18.30
CA GLY C 38 -1.88 12.63 19.50
C GLY C 38 -0.54 12.40 20.13
N TRP C 39 -0.51 11.45 21.07
CA TRP C 39 0.69 11.13 21.82
C TRP C 39 0.97 9.63 21.70
N ASP C 40 2.22 9.26 21.46
CA ASP C 40 2.65 7.88 21.64
C ASP C 40 3.68 7.88 22.74
N ARG C 41 4.12 6.69 23.17
CA ARG C 41 5.18 6.66 24.13
C ARG C 41 6.08 5.48 23.86
N GLN C 42 7.31 5.56 24.34
CA GLN C 42 8.21 4.43 24.20
C GLN C 42 9.05 4.28 25.47
N ALA C 43 8.92 3.13 26.10
CA ALA C 43 9.64 2.79 27.32
C ALA C 43 11.01 2.21 26.95
N PRO C 44 11.99 2.25 27.88
CA PRO C 44 13.39 1.99 27.48
C PRO C 44 13.61 0.73 26.64
N GLY C 45 13.00 -0.40 27.00
CA GLY C 45 13.18 -1.55 26.15
C GLY C 45 12.24 -1.62 24.96
N LYS C 46 10.98 -1.25 25.19
CA LYS C 46 9.86 -1.73 24.39
C LYS C 46 9.65 -0.89 23.13
N GLN C 47 8.74 -1.36 22.28
CA GLN C 47 8.49 -0.57 21.08
C GLN C 47 7.52 0.60 21.37
N ARG C 48 7.43 1.49 20.40
CA ARG C 48 6.52 2.62 20.47
C ARG C 48 5.07 2.16 20.45
N GLU C 49 4.23 2.78 21.31
CA GLU C 49 2.83 2.42 21.35
C GLU C 49 1.99 3.69 21.41
N LEU C 50 0.75 3.55 20.96
CA LEU C 50 -0.24 4.61 21.09
C LEU C 50 -0.46 4.93 22.56
N VAL C 51 -0.62 6.21 22.89
CA VAL C 51 -1.28 6.60 24.15
C VAL C 51 -2.69 7.07 23.86
N ALA C 52 -2.83 8.11 23.02
CA ALA C 52 -4.13 8.65 22.68
C ALA C 52 -3.97 9.52 21.46
N THR C 53 -5.01 9.56 20.62
CA THR C 53 -4.94 10.50 19.51
C THR C 53 -6.33 10.99 19.11
N ILE C 54 -6.36 12.16 18.50
CA ILE C 54 -7.60 12.77 18.01
C ILE C 54 -7.47 12.90 16.52
N THR C 55 -8.43 12.33 15.78
CA THR C 55 -8.37 12.42 14.32
C THR C 55 -9.47 13.37 13.82
N ARG C 56 -9.43 13.63 12.51
CA ARG C 56 -10.37 14.56 11.89
C ARG C 56 -11.79 14.21 12.23
N GLY C 57 -12.60 15.23 12.50
CA GLY C 57 -13.93 14.93 12.98
C GLY C 57 -14.02 14.82 14.48
N ASP C 58 -12.96 15.18 15.21
CA ASP C 58 -12.94 15.10 16.68
C ASP C 58 -13.20 13.67 17.20
N ARG C 59 -12.60 12.68 16.59
CA ARG C 59 -12.75 11.30 17.02
C ARG C 59 -11.58 10.98 17.93
N ILE C 60 -11.85 10.51 19.13
CA ILE C 60 -10.79 10.28 20.13
C ILE C 60 -10.55 8.78 20.23
N HIS C 61 -9.27 8.38 20.18
CA HIS C 61 -8.90 6.98 20.29
C HIS C 61 -7.89 6.84 21.41
N TYR C 62 -8.10 5.89 22.35
CA TYR C 62 -7.19 5.62 23.46
C TYR C 62 -6.60 4.21 23.34
N ALA C 63 -5.35 4.07 23.78
CA ALA C 63 -4.79 2.76 24.08
C ALA C 63 -5.41 2.19 25.37
N ASP C 64 -5.49 0.85 25.46
CA ASP C 64 -6.17 0.24 26.60
C ASP C 64 -5.46 0.54 27.93
N SER C 65 -4.13 0.59 27.92
CA SER C 65 -3.37 0.79 29.17
C SER C 65 -3.59 2.17 29.83
N VAL C 66 -4.22 3.11 29.14
CA VAL C 66 -4.46 4.44 29.69
C VAL C 66 -5.93 4.84 29.74
N LYS C 67 -6.83 4.05 29.16
CA LYS C 67 -8.24 4.45 29.13
C LYS C 67 -8.73 4.55 30.57
N GLY C 68 -9.36 5.68 30.90
CA GLY C 68 -9.81 5.92 32.26
C GLY C 68 -8.84 6.70 33.13
N ARG C 69 -7.54 6.62 32.88
CA ARG C 69 -6.56 7.42 33.61
C ARG C 69 -6.03 8.62 32.86
N PHE C 70 -5.93 8.53 31.53
CA PHE C 70 -5.47 9.66 30.74
C PHE C 70 -6.62 10.22 29.91
N ALA C 71 -6.59 11.52 29.70
CA ALA C 71 -7.59 12.19 28.89
C ALA C 71 -6.84 13.05 27.88
N ILE C 72 -7.17 12.92 26.58
CA ILE C 72 -6.64 13.84 25.58
C ILE C 72 -7.76 14.80 25.16
N SER C 73 -7.39 16.04 24.86
CA SER C 73 -8.36 17.04 24.42
C SER C 73 -7.67 18.00 23.49
N ARG C 74 -8.49 18.68 22.70
CA ARG C 74 -8.02 19.60 21.69
C ARG C 74 -8.29 21.03 22.16
N ASP C 75 -7.31 21.89 22.04
CA ASP C 75 -7.54 23.28 22.32
C ASP C 75 -8.54 23.87 21.34
N LYS C 76 -9.42 24.72 21.84
CA LYS C 76 -10.56 25.23 21.08
C LYS C 76 -10.21 26.48 20.29
N ASP C 77 -8.93 26.93 20.35
CA ASP C 77 -8.60 28.17 19.70
C ASP C 77 -7.26 28.09 18.98
N LYS C 78 -6.61 26.92 18.96
CA LYS C 78 -5.36 26.74 18.21
C LYS C 78 -5.18 25.23 18.08
N ASN C 79 -4.22 24.82 17.25
CA ASN C 79 -4.04 23.38 17.04
C ASN C 79 -3.03 22.81 18.04
N THR C 80 -3.49 22.69 19.25
CA THR C 80 -2.73 22.10 20.37
C THR C 80 -3.58 21.00 20.97
N VAL C 81 -2.93 19.88 21.34
CA VAL C 81 -3.68 18.86 22.03
C VAL C 81 -3.01 18.70 23.40
N TYR C 82 -3.82 18.30 24.38
CA TYR C 82 -3.37 18.16 25.77
C TYR C 82 -3.58 16.73 26.22
N LEU C 83 -2.59 16.20 26.93
CA LEU C 83 -2.72 14.89 27.55
C LEU C 83 -2.70 15.11 29.06
N GLU C 84 -3.85 14.88 29.71
CA GLU C 84 -3.91 14.88 31.18
C GLU C 84 -3.63 13.46 31.66
N MET C 85 -2.53 13.27 32.41
CA MET C 85 -2.20 11.95 32.93
C MET C 85 -2.42 11.93 34.42
N ASN C 86 -3.36 11.12 34.86
CA ASN C 86 -3.66 11.03 36.28
C ASN C 86 -3.23 9.67 36.82
N ASN C 87 -3.09 9.63 38.15
CA ASN C 87 -2.88 8.38 38.89
C ASN C 87 -1.71 7.60 38.28
N LEU C 88 -0.58 8.29 38.20
CA LEU C 88 0.52 7.80 37.40
C LEU C 88 1.23 6.71 38.23
N LYS C 89 1.85 5.79 37.53
CA LYS C 89 2.48 4.69 38.23
C LYS C 89 3.83 4.46 37.56
N PRO C 90 4.77 3.85 38.29
CA PRO C 90 6.09 3.59 37.69
C PRO C 90 6.03 3.05 36.30
N GLU C 91 5.06 2.18 35.96
CA GLU C 91 5.19 1.68 34.60
C GLU C 91 4.84 2.74 33.56
N ASP C 92 4.36 3.90 33.98
CA ASP C 92 4.09 4.92 32.95
C ASP C 92 5.34 5.71 32.56
N THR C 93 6.45 5.44 33.23
CA THR C 93 7.69 6.10 32.90
C THR C 93 8.07 5.76 31.48
N ALA C 94 8.31 6.78 30.64
CA ALA C 94 8.62 6.54 29.23
C ALA C 94 9.02 7.87 28.60
N VAL C 95 9.51 7.82 27.35
CA VAL C 95 9.57 9.04 26.53
C VAL C 95 8.23 9.17 25.80
N TYR C 96 7.56 10.32 25.95
CA TYR C 96 6.27 10.55 25.32
C TYR C 96 6.50 11.41 24.08
N TYR C 97 5.91 11.01 22.95
CA TYR C 97 6.14 11.70 21.65
C TYR C 97 4.85 12.30 21.11
N CYS C 98 4.88 13.59 20.80
CA CYS C 98 3.78 14.17 20.00
C CYS C 98 3.80 13.53 18.61
N ASP C 99 2.63 13.24 18.07
CA ASP C 99 2.51 12.45 16.84
C ASP C 99 1.45 13.14 15.97
N VAL C 100 1.87 13.84 14.92
CA VAL C 100 0.92 14.59 14.08
C VAL C 100 0.99 14.06 12.65
N ALA C 101 -0.17 13.79 12.06
CA ALA C 101 -0.25 13.44 10.64
C ALA C 101 -0.93 14.64 9.96
N ALA C 102 -0.33 15.16 8.92
CA ALA C 102 -0.90 16.32 8.25
C ALA C 102 -0.34 16.35 6.84
N PHE C 103 -0.97 17.15 5.98
CA PHE C 103 -0.51 17.25 4.60
C PHE C 103 -0.66 18.69 4.12
N ASP C 104 0.19 19.08 3.19
CA ASP C 104 0.14 20.39 2.59
C ASP C 104 -1.18 20.55 1.86
N SER C 105 -1.92 21.64 2.14
CA SER C 105 -3.29 21.74 1.65
C SER C 105 -3.34 22.05 0.16
N SER C 106 -2.25 22.48 -0.42
CA SER C 106 -2.20 22.78 -1.85
C SER C 106 -1.66 21.63 -2.68
N ASP C 107 -0.62 20.90 -2.20
CA ASP C 107 -0.03 19.88 -3.07
C ASP C 107 0.07 18.50 -2.42
N TYR C 108 -0.58 18.29 -1.28
CA TYR C 108 -0.79 16.99 -0.61
C TYR C 108 0.52 16.33 -0.21
N GLU C 109 1.61 17.10 -0.19
CA GLU C 109 2.87 16.62 0.39
C GLU C 109 2.62 16.17 1.82
N VAL C 110 3.11 14.97 2.20
CA VAL C 110 2.89 14.45 3.56
C VAL C 110 3.87 15.12 4.53
N LEU C 111 3.33 15.71 5.62
CA LEU C 111 4.12 16.55 6.53
C LEU C 111 4.20 15.92 7.92
N ASP C 112 3.86 14.65 8.07
CA ASP C 112 3.72 13.99 9.38
C ASP C 112 4.97 14.20 10.21
N SER C 113 4.79 14.28 11.54
CA SER C 113 5.98 14.47 12.33
C SER C 113 5.80 13.81 13.70
N TRP C 114 6.92 13.26 14.21
CA TRP C 114 7.06 12.93 15.63
C TRP C 114 7.65 14.18 16.30
N GLY C 115 7.24 14.47 17.53
CA GLY C 115 7.98 15.42 18.34
C GLY C 115 9.36 14.88 18.74
N GLN C 116 10.13 15.76 19.42
CA GLN C 116 11.47 15.40 19.90
C GLN C 116 11.42 14.43 21.07
N GLY C 117 10.25 14.30 21.70
CA GLY C 117 10.05 13.38 22.81
C GLY C 117 10.20 14.12 24.12
N THR C 118 9.35 13.82 25.11
CA THR C 118 9.56 14.39 26.43
C THR C 118 9.54 13.27 27.49
N GLN C 119 10.55 13.28 28.32
CA GLN C 119 10.71 12.24 29.33
C GLN C 119 9.65 12.46 30.40
N VAL C 120 8.99 11.37 30.81
CA VAL C 120 8.13 11.39 31.99
C VAL C 120 8.65 10.30 32.92
N THR C 121 8.97 10.67 34.17
CA THR C 121 9.52 9.72 35.13
C THR C 121 8.66 9.72 36.38
N VAL C 122 8.05 8.57 36.66
CA VAL C 122 7.18 8.42 37.81
C VAL C 122 7.97 7.63 38.86
N SER C 123 8.42 8.29 39.92
CA SER C 123 9.19 7.61 40.96
C SER C 123 9.06 8.39 42.27
N SER C 124 9.21 7.69 43.39
CA SER C 124 9.08 8.36 44.70
C SER C 124 9.96 9.62 44.93
#